data_5UML
#
_entry.id   5UML
#
_cell.length_a   45.413
_cell.length_b   88.027
_cell.length_c   46.300
_cell.angle_alpha   90.00
_cell.angle_beta   90.66
_cell.angle_gamma   90.00
#
_symmetry.space_group_name_H-M   'P 1 21 1'
#
loop_
_entity.id
_entity.type
_entity.pdbx_description
1 polymer 'Protein Mdm4'
2 polymer 'PEPTIDE INHIBITOR M3'
#
loop_
_entity_poly.entity_id
_entity_poly.type
_entity_poly.pdbx_seq_one_letter_code
_entity_poly.pdbx_strand_id
1 'polypeptide(L)'
;INQVRPKLPLLKILHAAGAQGEMFTVKEVMHYLGQYIMVKQLYDAAAQHMVYCGGDLLGELLGRQSFSVKDPSPLYDMLR
KNLVT
;
A,B,E,G
2 'polypeptide(L)' LTFLEYWAQLMQ C,D,F,H
#
# COMPACT_ATOMS: atom_id res chain seq x y z
N ASN A 2 17.86 -11.83 24.36
CA ASN A 2 16.84 -12.82 24.86
C ASN A 2 16.50 -13.85 23.76
N GLN A 3 15.66 -14.84 24.10
CA GLN A 3 15.32 -15.91 23.16
C GLN A 3 13.87 -16.34 23.27
N VAL A 4 13.32 -16.81 22.14
CA VAL A 4 11.91 -17.22 22.06
C VAL A 4 11.77 -18.54 21.29
N ARG A 5 10.56 -19.10 21.33
CA ARG A 5 10.27 -20.43 20.80
C ARG A 5 9.17 -20.39 19.74
N PRO A 6 9.49 -20.81 18.50
CA PRO A 6 8.45 -20.93 17.50
C PRO A 6 7.46 -22.05 17.82
N LYS A 7 6.22 -21.88 17.39
CA LYS A 7 5.21 -22.94 17.51
C LYS A 7 5.42 -23.98 16.45
N LEU A 8 4.69 -25.08 16.56
CA LEU A 8 4.80 -26.17 15.59
C LEU A 8 4.41 -25.74 14.17
N PRO A 9 3.42 -24.83 14.01
CA PRO A 9 3.20 -24.29 12.66
C PRO A 9 4.32 -23.37 12.15
N LEU A 10 4.88 -22.53 13.02
CA LEU A 10 5.93 -21.59 12.60
C LEU A 10 7.33 -22.22 12.58
N LEU A 11 7.57 -23.25 13.38
CA LEU A 11 8.88 -23.91 13.44
C LEU A 11 9.16 -24.76 12.20
N LYS A 12 8.13 -25.43 11.69
CA LYS A 12 8.23 -26.17 10.42
C LYS A 12 8.70 -25.27 9.29
N ILE A 13 8.21 -24.03 9.28
CA ILE A 13 8.58 -23.02 8.27
C ILE A 13 10.03 -22.54 8.43
N LEU A 14 10.56 -22.58 9.65
CA LEU A 14 11.94 -22.20 9.91
C LEU A 14 12.95 -23.32 9.64
N HIS A 15 12.58 -24.56 9.97
CA HIS A 15 13.46 -25.71 9.73
C HIS A 15 13.57 -26.07 8.25
N ALA A 16 12.68 -25.55 7.42
CA ALA A 16 12.75 -25.72 5.96
C ALA A 16 13.48 -24.57 5.26
N ALA A 17 14.29 -23.80 6.00
CA ALA A 17 15.12 -22.74 5.44
C ALA A 17 16.62 -22.82 5.77
N GLY A 18 17.00 -23.66 6.74
CA GLY A 18 18.38 -23.69 7.25
C GLY A 18 18.49 -23.72 8.76
N ALA A 19 17.46 -23.27 9.47
CA ALA A 19 17.43 -23.29 10.93
C ALA A 19 17.49 -24.72 11.45
N GLN A 20 18.16 -24.89 12.58
CA GLN A 20 18.34 -26.20 13.20
C GLN A 20 18.32 -26.02 14.71
N GLY A 21 17.42 -26.76 15.38
CA GLY A 21 17.25 -26.65 16.82
C GLY A 21 15.78 -26.68 17.22
N GLU A 22 15.29 -25.56 17.74
CA GLU A 22 14.07 -25.50 18.57
C GLU A 22 13.72 -24.10 19.07
N MET A 23 14.75 -23.29 19.35
CA MET A 23 14.57 -22.00 19.98
C MET A 23 15.53 -21.02 19.35
N PHE A 24 15.06 -19.81 19.06
CA PHE A 24 15.94 -18.80 18.49
C PHE A 24 15.64 -17.42 19.06
N THR A 25 16.39 -16.46 18.52
CA THR A 25 16.19 -15.03 18.73
C THR A 25 15.16 -14.50 17.72
N VAL A 26 14.46 -13.43 18.12
CA VAL A 26 13.51 -12.74 17.22
C VAL A 26 14.22 -12.41 15.91
N LYS A 27 15.34 -11.71 16.04
CA LYS A 27 16.13 -11.24 14.88
C LYS A 27 16.58 -12.35 13.91
N GLU A 28 16.89 -13.54 14.41
CA GLU A 28 17.28 -14.64 13.51
C GLU A 28 16.07 -15.42 13.02
N VAL A 29 14.98 -15.42 13.80
CA VAL A 29 13.68 -15.84 13.26
C VAL A 29 13.37 -15.09 11.97
N MET A 30 13.61 -13.78 11.95
CA MET A 30 13.30 -12.98 10.78
C MET A 30 14.25 -13.30 9.62
N HIS A 31 15.48 -13.68 9.94
CA HIS A 31 16.45 -14.09 8.92
C HIS A 31 15.99 -15.36 8.20
N TYR A 32 15.73 -16.41 8.98
CA TYR A 32 15.24 -17.68 8.42
C TYR A 32 13.83 -17.55 7.83
N LEU A 33 13.10 -16.50 8.22
CA LEU A 33 11.75 -16.24 7.72
C LEU A 33 11.76 -15.56 6.35
N GLY A 34 12.70 -14.64 6.17
CA GLY A 34 13.00 -14.08 4.85
C GLY A 34 13.70 -15.05 3.92
N GLN A 35 14.38 -16.04 4.48
CA GLN A 35 14.95 -17.11 3.66
C GLN A 35 13.86 -17.96 3.00
N TYR A 36 12.81 -18.28 3.76
CA TYR A 36 11.67 -19.07 3.29
C TYR A 36 11.03 -18.50 2.02
N ILE A 37 10.77 -17.20 2.03
CA ILE A 37 10.12 -16.50 0.91
C ILE A 37 10.97 -16.61 -0.37
N MET A 38 12.30 -16.70 -0.20
CA MET A 38 13.21 -16.81 -1.33
C MET A 38 13.44 -18.23 -1.83
N VAL A 39 13.36 -19.22 -0.96
CA VAL A 39 13.61 -20.62 -1.38
C VAL A 39 12.36 -21.19 -2.06
N LYS A 40 11.18 -20.96 -1.50
CA LYS A 40 9.92 -21.43 -2.10
C LYS A 40 9.33 -20.48 -3.14
N GLN A 41 9.98 -19.34 -3.38
CA GLN A 41 9.63 -18.41 -4.46
C GLN A 41 8.21 -17.85 -4.31
N LEU A 42 8.01 -17.07 -3.25
CA LEU A 42 6.72 -16.42 -2.95
C LEU A 42 6.69 -14.92 -3.27
N TYR A 43 7.84 -14.27 -3.37
CA TYR A 43 7.91 -12.83 -3.64
C TYR A 43 7.65 -12.48 -5.11
N ASP A 44 7.21 -11.25 -5.34
CA ASP A 44 7.00 -10.75 -6.70
C ASP A 44 8.34 -10.44 -7.35
N ALA A 45 8.57 -11.00 -8.53
CA ALA A 45 9.78 -10.71 -9.31
C ALA A 45 9.77 -9.27 -9.85
N ALA A 46 8.58 -8.74 -10.15
CA ALA A 46 8.43 -7.38 -10.66
C ALA A 46 8.63 -6.33 -9.55
N ALA A 47 7.67 -6.25 -8.62
CA ALA A 47 7.76 -5.36 -7.47
C ALA A 47 8.20 -6.19 -6.26
N GLN A 48 9.51 -6.19 -6.00
CA GLN A 48 10.13 -7.14 -5.06
C GLN A 48 9.91 -6.82 -3.57
N HIS A 49 8.99 -5.90 -3.28
CA HIS A 49 8.47 -5.68 -1.92
C HIS A 49 7.19 -6.46 -1.60
N MET A 50 6.57 -7.09 -2.59
CA MET A 50 5.27 -7.75 -2.43
C MET A 50 5.47 -9.25 -2.36
N VAL A 51 5.05 -9.86 -1.25
CA VAL A 51 5.14 -11.30 -1.04
C VAL A 51 3.76 -11.90 -1.22
N TYR A 52 3.68 -13.04 -1.90
CA TYR A 52 2.43 -13.74 -2.18
C TYR A 52 2.46 -15.08 -1.47
N CYS A 53 2.11 -15.05 -0.19
CA CYS A 53 2.15 -16.23 0.68
C CYS A 53 0.83 -17.02 0.72
N GLY A 54 -0.16 -16.61 -0.07
CA GLY A 54 -1.51 -17.13 0.04
C GLY A 54 -1.65 -18.62 -0.10
N GLY A 55 -1.00 -19.19 -1.11
CA GLY A 55 -1.13 -20.61 -1.45
C GLY A 55 -0.56 -21.58 -0.43
N ASP A 56 0.40 -21.12 0.36
CA ASP A 56 1.18 -21.98 1.25
C ASP A 56 1.01 -21.62 2.73
N LEU A 57 1.54 -22.51 3.57
CA LEU A 57 1.40 -22.45 5.02
C LEU A 57 1.59 -21.05 5.59
N LEU A 58 2.64 -20.36 5.16
CA LEU A 58 2.96 -19.03 5.69
C LEU A 58 1.78 -18.06 5.61
N GLY A 59 1.00 -18.15 4.53
CA GLY A 59 -0.19 -17.34 4.34
C GLY A 59 -1.31 -17.71 5.28
N GLU A 60 -1.56 -19.02 5.41
CA GLU A 60 -2.57 -19.52 6.33
C GLU A 60 -2.23 -19.07 7.76
N LEU A 61 -0.93 -18.98 8.07
CA LEU A 61 -0.48 -18.45 9.35
C LEU A 61 -0.66 -16.94 9.45
N LEU A 62 -0.47 -16.23 8.34
CA LEU A 62 -0.64 -14.77 8.33
C LEU A 62 -2.10 -14.32 8.26
N GLY A 63 -3.03 -15.20 7.88
CA GLY A 63 -4.40 -14.80 7.58
C GLY A 63 -4.51 -13.88 6.37
N ARG A 64 -3.52 -13.95 5.49
CA ARG A 64 -3.43 -13.12 4.29
C ARG A 64 -3.02 -13.97 3.11
N GLN A 65 -3.09 -13.34 1.93
CA GLN A 65 -2.63 -13.96 0.69
C GLN A 65 -1.67 -13.06 -0.09
N SER A 66 -1.29 -11.95 0.54
CA SER A 66 -0.37 -10.98 -0.01
C SER A 66 0.03 -10.00 1.10
N PHE A 67 1.27 -9.56 1.11
CA PHE A 67 1.68 -8.47 1.99
C PHE A 67 2.95 -7.83 1.45
N SER A 68 3.09 -6.54 1.73
CA SER A 68 4.26 -5.77 1.32
C SER A 68 5.30 -5.80 2.43
N VAL A 69 6.56 -5.70 2.03
CA VAL A 69 7.67 -5.64 2.98
C VAL A 69 7.86 -4.20 3.50
N LYS A 70 7.37 -3.20 2.76
CA LYS A 70 7.41 -1.81 3.23
C LYS A 70 6.28 -1.45 4.21
N ASP A 71 5.29 -2.32 4.35
CA ASP A 71 4.30 -2.25 5.44
C ASP A 71 4.14 -3.66 6.00
N PRO A 72 5.01 -4.07 6.95
CA PRO A 72 5.00 -5.43 7.46
C PRO A 72 4.36 -5.60 8.84
N SER A 73 3.38 -4.75 9.19
CA SER A 73 2.71 -4.86 10.50
C SER A 73 1.96 -6.19 10.72
N PRO A 74 1.40 -6.79 9.63
CA PRO A 74 0.82 -8.14 9.76
C PRO A 74 1.83 -9.24 10.09
N LEU A 75 3.11 -8.93 10.03
CA LEU A 75 4.15 -9.81 10.54
C LEU A 75 4.21 -9.67 12.03
N TYR A 76 4.03 -8.45 12.54
CA TYR A 76 4.03 -8.20 13.99
C TYR A 76 2.66 -8.39 14.66
N ASP A 77 1.72 -8.96 13.94
CA ASP A 77 0.46 -9.41 14.49
C ASP A 77 0.69 -10.88 14.61
N MET A 78 1.44 -11.43 13.65
CA MET A 78 1.77 -12.82 13.64
C MET A 78 2.98 -13.18 14.53
N LEU A 79 3.93 -12.25 14.68
CA LEU A 79 5.13 -12.52 15.49
C LEU A 79 4.87 -12.52 17.00
N ARG A 80 3.78 -11.92 17.43
CA ARG A 80 3.33 -11.98 18.83
C ARG A 80 2.49 -13.23 19.14
N LYS A 81 1.72 -13.69 18.16
CA LYS A 81 0.82 -14.84 18.31
C LYS A 81 1.53 -16.19 18.16
N ASN A 82 2.77 -16.21 17.71
CA ASN A 82 3.45 -17.48 17.41
C ASN A 82 4.88 -17.56 17.99
N LEU A 83 5.10 -16.90 19.13
CA LEU A 83 6.41 -16.92 19.80
C LEU A 83 6.22 -16.80 21.32
N VAL A 84 6.68 -17.81 22.05
CA VAL A 84 6.53 -17.83 23.50
C VAL A 84 7.72 -17.07 24.09
N THR A 85 7.42 -16.04 24.88
CA THR A 85 8.44 -15.20 25.54
C THR A 85 8.59 -15.64 26.99
N LEU B 1 14.41 -1.70 -5.56
CA LEU B 1 13.77 -3.06 -5.53
C LEU B 1 14.70 -4.06 -4.83
N THR B 2 14.87 -5.29 -5.36
CA THR B 2 15.53 -6.42 -4.68
C THR B 2 14.91 -6.74 -3.31
N PHE B 3 14.26 -7.90 -3.20
CA PHE B 3 13.73 -8.38 -1.91
C PHE B 3 14.78 -8.37 -0.81
N LEU B 4 16.05 -8.42 -1.18
CA LEU B 4 17.15 -8.52 -0.22
C LEU B 4 17.25 -7.33 0.73
N GLU B 5 17.17 -6.11 0.19
CA GLU B 5 17.22 -4.88 0.99
C GLU B 5 15.83 -4.42 1.42
N TYR B 6 14.78 -4.83 0.71
CA TYR B 6 13.44 -4.57 1.18
C TYR B 6 13.19 -5.31 2.47
N TRP B 7 13.69 -6.53 2.56
CA TRP B 7 13.61 -7.38 3.76
C TRP B 7 14.72 -7.07 4.79
N ALA B 8 15.36 -5.91 4.64
CA ALA B 8 16.39 -5.43 5.56
C ALA B 8 16.05 -4.09 6.21
N GLN B 9 14.87 -3.53 5.89
CA GLN B 9 14.36 -2.33 6.54
C GLN B 9 13.66 -2.73 7.84
N LEU B 10 12.82 -3.76 7.74
CA LEU B 10 12.27 -4.44 8.91
C LEU B 10 13.35 -4.94 9.88
N MET B 11 14.28 -5.76 9.38
CA MET B 11 15.25 -6.45 10.22
C MET B 11 16.37 -5.50 10.63
N ASN C 2 -20.81 -7.02 24.03
CA ASN C 2 -19.73 -6.98 25.07
C ASN C 2 -18.93 -5.68 24.95
N GLN C 3 -19.55 -4.61 25.46
CA GLN C 3 -19.05 -3.24 25.31
C GLN C 3 -17.67 -3.04 25.88
N VAL C 4 -17.02 -1.98 25.43
CA VAL C 4 -15.62 -1.69 25.78
C VAL C 4 -15.48 -0.26 26.27
N ARG C 5 -14.33 0.02 26.90
CA ARG C 5 -13.99 1.33 27.44
C ARG C 5 -12.71 1.81 26.77
N PRO C 6 -12.76 2.96 26.08
CA PRO C 6 -11.51 3.56 25.59
C PRO C 6 -10.72 4.22 26.70
N LYS C 7 -9.41 4.24 26.52
CA LYS C 7 -8.50 4.89 27.45
C LYS C 7 -8.69 6.38 27.24
N LEU C 8 -8.34 7.19 28.24
CA LEU C 8 -8.57 8.64 28.14
C LEU C 8 -7.95 9.30 26.90
N PRO C 9 -6.70 8.93 26.53
CA PRO C 9 -6.17 9.38 25.24
C PRO C 9 -7.14 9.27 24.05
N LEU C 10 -7.75 8.10 23.88
CA LEU C 10 -8.67 7.84 22.76
C LEU C 10 -10.04 8.49 22.98
N LEU C 11 -10.57 8.37 24.20
CA LEU C 11 -11.88 8.93 24.54
C LEU C 11 -11.94 10.45 24.37
N LYS C 12 -10.82 11.14 24.62
CA LYS C 12 -10.67 12.57 24.27
C LYS C 12 -10.89 12.82 22.77
N ILE C 13 -10.31 11.95 21.92
CA ILE C 13 -10.54 11.96 20.47
C ILE C 13 -12.02 11.77 20.16
N LEU C 14 -12.64 10.90 20.93
CA LEU C 14 -14.00 10.45 20.70
C LEU C 14 -15.10 11.41 21.08
N HIS C 15 -14.94 12.09 22.21
CA HIS C 15 -15.95 13.04 22.68
C HIS C 15 -15.97 14.35 21.86
N ALA C 16 -14.87 14.65 21.17
CA ALA C 16 -14.83 15.77 20.23
C ALA C 16 -15.32 15.41 18.82
N ALA C 17 -16.01 14.27 18.66
CA ALA C 17 -16.61 13.87 17.38
C ALA C 17 -18.11 13.61 17.51
N GLY C 18 -18.75 14.26 18.48
CA GLY C 18 -20.18 14.07 18.75
C GLY C 18 -20.52 12.93 19.72
N ALA C 19 -19.59 11.98 19.91
CA ALA C 19 -19.87 10.81 20.73
C ALA C 19 -19.98 11.18 22.20
N GLN C 20 -20.80 10.43 22.92
CA GLN C 20 -21.03 10.66 24.35
C GLN C 20 -20.95 9.31 25.05
N GLY C 21 -20.27 9.28 26.19
CA GLY C 21 -20.24 8.09 27.02
C GLY C 21 -18.89 7.81 27.66
N GLU C 22 -18.53 6.54 27.62
CA GLU C 22 -17.58 5.89 28.55
C GLU C 22 -17.51 4.42 28.17
N MET C 23 -18.66 3.86 27.80
CA MET C 23 -18.78 2.52 27.25
C MET C 23 -19.37 2.61 25.85
N PHE C 24 -18.75 1.88 24.91
CA PHE C 24 -19.16 1.87 23.52
C PHE C 24 -18.97 0.47 22.98
N THR C 25 -19.71 0.12 21.93
CA THR C 25 -19.43 -1.11 21.21
C THR C 25 -18.32 -0.85 20.20
N VAL C 26 -17.71 -1.91 19.69
CA VAL C 26 -16.50 -1.77 18.89
C VAL C 26 -16.84 -1.02 17.60
N LYS C 27 -17.91 -1.45 16.93
CA LYS C 27 -18.42 -0.75 15.75
C LYS C 27 -18.96 0.63 16.11
N GLU C 28 -19.70 0.70 17.22
CA GLU C 28 -20.24 1.98 17.75
C GLU C 28 -19.23 3.10 17.66
N VAL C 29 -17.97 2.77 17.94
CA VAL C 29 -16.92 3.76 18.01
C VAL C 29 -15.92 3.70 16.86
N MET C 30 -16.01 2.66 16.03
CA MET C 30 -15.42 2.74 14.70
C MET C 30 -16.17 3.78 13.85
N HIS C 31 -17.48 3.91 14.06
CA HIS C 31 -18.26 4.98 13.40
C HIS C 31 -17.82 6.38 13.85
N TYR C 32 -17.59 6.57 15.15
CA TYR C 32 -17.15 7.86 15.69
C TYR C 32 -15.66 8.10 15.44
N LEU C 33 -14.90 7.03 15.29
CA LEU C 33 -13.51 7.11 14.82
C LEU C 33 -13.45 7.53 13.35
N GLY C 34 -14.49 7.17 12.58
CA GLY C 34 -14.61 7.56 11.18
C GLY C 34 -15.11 8.97 10.93
N GLN C 35 -15.71 9.58 11.95
CA GLN C 35 -16.23 10.94 11.86
C GLN C 35 -15.28 11.98 12.47
N TYR C 36 -14.15 11.52 13.01
CA TYR C 36 -13.08 12.42 13.49
C TYR C 36 -12.15 12.80 12.34
N ILE C 37 -11.95 11.89 11.40
CA ILE C 37 -11.17 12.19 10.20
C ILE C 37 -11.92 13.26 9.38
N MET C 38 -13.19 12.99 9.09
CA MET C 38 -14.08 13.93 8.38
C MET C 38 -14.08 15.35 8.96
N VAL C 39 -14.33 15.47 10.27
CA VAL C 39 -14.45 16.79 10.89
C VAL C 39 -13.12 17.53 10.85
N LYS C 40 -12.03 16.83 11.15
CA LYS C 40 -10.69 17.45 11.16
C LYS C 40 -10.11 17.63 9.76
N GLN C 41 -10.76 17.07 8.74
CA GLN C 41 -10.30 17.12 7.34
C GLN C 41 -8.89 16.51 7.24
N LEU C 42 -8.77 15.27 7.70
CA LEU C 42 -7.48 14.54 7.71
C LEU C 42 -7.23 13.67 6.48
N TYR C 43 -8.30 13.19 5.82
CA TYR C 43 -8.13 12.44 4.57
C TYR C 43 -7.71 13.36 3.43
N ASP C 44 -6.95 12.79 2.50
CA ASP C 44 -6.53 13.51 1.31
C ASP C 44 -7.69 13.50 0.30
N ALA C 45 -8.04 14.67 -0.20
CA ALA C 45 -9.12 14.81 -1.18
C ALA C 45 -8.60 14.61 -2.61
N ALA C 46 -7.88 13.51 -2.83
CA ALA C 46 -7.28 13.19 -4.13
C ALA C 46 -7.31 11.66 -4.33
N ALA C 47 -6.60 10.94 -3.47
CA ALA C 47 -6.76 9.49 -3.32
C ALA C 47 -7.48 9.29 -2.00
N GLN C 48 -8.75 8.91 -2.07
CA GLN C 48 -9.65 8.97 -0.90
C GLN C 48 -9.45 7.90 0.20
N HIS C 49 -8.47 7.01 0.04
CA HIS C 49 -8.20 5.98 1.04
C HIS C 49 -7.13 6.38 2.05
N MET C 50 -6.42 7.48 1.82
CA MET C 50 -5.27 7.84 2.65
C MET C 50 -5.66 8.88 3.68
N VAL C 51 -5.21 8.68 4.92
CA VAL C 51 -5.42 9.62 6.02
C VAL C 51 -4.05 10.06 6.52
N TYR C 52 -3.81 11.37 6.55
CA TYR C 52 -2.58 11.93 7.12
C TYR C 52 -2.89 12.43 8.53
N CYS C 53 -2.79 11.51 9.48
CA CYS C 53 -3.05 11.80 10.89
C CYS C 53 -1.77 12.15 11.64
N GLY C 54 -0.82 12.81 10.98
CA GLY C 54 0.53 12.98 11.52
C GLY C 54 0.71 14.13 12.51
N GLY C 55 0.09 15.27 12.22
CA GLY C 55 0.27 16.47 13.01
C GLY C 55 -0.56 16.62 14.27
N ASP C 56 -1.42 15.63 14.58
CA ASP C 56 -2.36 15.72 15.69
C ASP C 56 -2.33 14.44 16.55
N LEU C 57 -2.91 14.54 17.75
CA LEU C 57 -3.08 13.44 18.70
C LEU C 57 -3.43 12.06 18.13
N LEU C 58 -4.17 11.99 17.03
CA LEU C 58 -4.66 10.71 16.50
C LEU C 58 -3.56 9.82 15.90
N GLY C 59 -2.56 10.41 15.25
CA GLY C 59 -1.50 9.64 14.61
C GLY C 59 -0.33 9.31 15.49
N GLU C 60 -0.21 10.04 16.60
CA GLU C 60 0.86 9.80 17.56
C GLU C 60 0.36 8.85 18.65
N LEU C 61 -0.87 8.36 18.46
CA LEU C 61 -1.47 7.22 19.16
C LEU C 61 -1.42 5.96 18.28
N LEU C 62 -1.72 6.13 16.99
CA LEU C 62 -1.52 5.12 15.94
C LEU C 62 -0.06 4.72 15.70
N GLY C 63 0.88 5.54 16.12
CA GLY C 63 2.30 5.30 15.88
C GLY C 63 2.61 5.36 14.39
N ARG C 64 2.01 6.34 13.71
CA ARG C 64 2.10 6.47 12.25
C ARG C 64 1.92 7.92 11.82
N GLN C 65 2.52 8.27 10.69
CA GLN C 65 2.27 9.56 10.04
C GLN C 65 1.03 9.51 9.16
N SER C 66 0.77 8.35 8.59
CA SER C 66 -0.42 8.13 7.76
C SER C 66 -0.75 6.64 7.69
N PHE C 67 -1.83 6.31 6.98
CA PHE C 67 -2.21 4.91 6.75
C PHE C 67 -3.31 4.85 5.69
N SER C 68 -3.39 3.72 4.99
CA SER C 68 -4.43 3.49 3.99
C SER C 68 -5.58 2.69 4.60
N VAL C 69 -6.81 3.06 4.24
CA VAL C 69 -8.02 2.45 4.78
C VAL C 69 -8.29 1.07 4.15
N LYS C 70 -7.59 0.73 3.05
CA LYS C 70 -7.72 -0.60 2.44
C LYS C 70 -6.79 -1.65 3.06
N ASP C 71 -5.80 -1.19 3.82
CA ASP C 71 -4.93 -2.06 4.60
C ASP C 71 -5.04 -1.61 6.06
N PRO C 72 -6.08 -2.07 6.78
CA PRO C 72 -6.38 -1.54 8.11
C PRO C 72 -5.76 -2.30 9.29
N SER C 73 -4.71 -3.10 9.07
CA SER C 73 -4.07 -3.84 10.16
C SER C 73 -3.54 -2.97 11.30
N PRO C 74 -3.01 -1.74 10.99
CA PRO C 74 -2.53 -0.92 12.11
C PRO C 74 -3.62 -0.50 13.08
N LEU C 75 -4.81 -0.19 12.56
CA LEU C 75 -5.94 0.23 13.39
C LEU C 75 -6.33 -0.79 14.45
N TYR C 76 -6.22 -2.08 14.19
CA TYR C 76 -6.67 -3.07 15.18
C TYR C 76 -5.75 -2.99 16.39
N ASP C 77 -4.48 -2.82 16.12
CA ASP C 77 -3.52 -2.69 17.18
C ASP C 77 -3.56 -1.32 17.87
N MET C 78 -3.97 -0.27 17.17
CA MET C 78 -4.32 0.98 17.86
C MET C 78 -5.47 0.67 18.81
N LEU C 79 -6.47 -0.08 18.32
CA LEU C 79 -7.69 -0.38 19.07
C LEU C 79 -7.45 -1.39 20.20
N ARG C 80 -6.91 -2.56 19.86
CA ARG C 80 -6.65 -3.62 20.85
C ARG C 80 -5.70 -3.20 21.97
N LYS C 81 -4.83 -2.25 21.68
CA LYS C 81 -4.00 -1.62 22.72
C LYS C 81 -4.70 -0.44 23.42
N ASN C 82 -5.95 -0.12 23.07
CA ASN C 82 -6.61 1.09 23.59
C ASN C 82 -8.04 0.93 24.10
N LEU C 83 -8.61 -0.28 24.04
CA LEU C 83 -9.98 -0.51 24.50
C LEU C 83 -9.96 -1.46 25.68
N VAL C 84 -10.25 -0.95 26.88
CA VAL C 84 -10.36 -1.77 28.08
C VAL C 84 -11.65 -2.58 27.92
N THR C 85 -11.48 -3.89 27.70
CA THR C 85 -12.60 -4.80 27.44
C THR C 85 -13.21 -5.26 28.75
N LEU D 1 -13.76 5.22 -5.15
CA LEU D 1 -13.29 6.36 -4.29
C LEU D 1 -14.26 6.59 -3.09
N THR D 2 -14.30 7.81 -2.55
CA THR D 2 -15.14 8.18 -1.39
C THR D 2 -14.63 7.53 -0.08
N PHE D 3 -14.23 8.38 0.86
CA PHE D 3 -13.81 7.94 2.19
C PHE D 3 -14.97 7.34 3.00
N LEU D 4 -16.19 7.81 2.73
CA LEU D 4 -17.41 7.28 3.35
C LEU D 4 -17.53 5.78 3.20
N GLU D 5 -17.33 5.30 1.98
CA GLU D 5 -17.45 3.88 1.64
C GLU D 5 -16.11 3.14 1.77
N TYR D 6 -15.00 3.87 1.66
CA TYR D 6 -13.69 3.33 1.98
C TYR D 6 -13.68 2.86 3.43
N TRP D 7 -14.32 3.65 4.30
CA TRP D 7 -14.41 3.35 5.74
C TRP D 7 -15.57 2.40 6.11
N ALA D 8 -16.17 1.73 5.11
CA ALA D 8 -17.26 0.78 5.34
C ALA D 8 -16.96 -0.65 4.87
N GLN D 9 -15.73 -0.92 4.43
CA GLN D 9 -15.29 -2.28 4.09
C GLN D 9 -14.77 -2.97 5.33
N LEU D 10 -13.86 -2.29 6.03
CA LEU D 10 -13.37 -2.75 7.34
C LEU D 10 -14.47 -2.82 8.40
N MET D 11 -15.27 -1.76 8.51
CA MET D 11 -16.35 -1.69 9.50
C MET D 11 -17.49 -2.62 9.09
N GLN E 3 -19.72 -7.98 -0.81
CA GLN E 3 -18.26 -7.87 -1.12
C GLN E 3 -17.64 -9.22 -1.49
N VAL E 4 -16.40 -9.16 -1.96
CA VAL E 4 -15.68 -10.34 -2.47
C VAL E 4 -14.20 -10.25 -2.15
N ARG E 5 -13.53 -11.38 -2.28
CA ARG E 5 -12.10 -11.53 -2.01
C ARG E 5 -11.47 -12.27 -3.18
N PRO E 6 -10.49 -11.65 -3.88
CA PRO E 6 -9.91 -12.32 -5.02
C PRO E 6 -8.96 -13.45 -4.65
N LYS E 7 -8.87 -14.45 -5.55
CA LYS E 7 -8.00 -15.59 -5.34
C LYS E 7 -6.59 -15.23 -5.79
N LEU E 8 -5.64 -16.08 -5.41
CA LEU E 8 -4.21 -15.82 -5.64
C LEU E 8 -3.87 -15.43 -7.10
N PRO E 9 -4.38 -16.18 -8.10
CA PRO E 9 -4.09 -15.77 -9.47
C PRO E 9 -4.68 -14.40 -9.88
N LEU E 10 -5.91 -14.11 -9.49
CA LEU E 10 -6.58 -12.85 -9.88
C LEU E 10 -6.11 -11.62 -9.10
N LEU E 11 -5.63 -11.83 -7.87
CA LEU E 11 -5.17 -10.72 -7.02
C LEU E 11 -3.83 -10.16 -7.49
N LYS E 12 -3.00 -11.01 -8.10
CA LYS E 12 -1.80 -10.55 -8.80
C LYS E 12 -2.20 -9.60 -9.92
N ILE E 13 -3.25 -9.96 -10.67
CA ILE E 13 -3.84 -9.07 -11.68
C ILE E 13 -4.22 -7.73 -11.05
N LEU E 14 -5.06 -7.78 -10.02
CA LEU E 14 -5.51 -6.55 -9.35
C LEU E 14 -4.34 -5.70 -8.86
N HIS E 15 -3.36 -6.33 -8.20
CA HIS E 15 -2.22 -5.60 -7.66
C HIS E 15 -1.19 -5.13 -8.70
N ALA E 16 -1.26 -5.64 -9.92
CA ALA E 16 -0.43 -5.13 -11.02
C ALA E 16 -1.02 -3.87 -11.69
N ALA E 17 -2.16 -3.38 -11.20
CA ALA E 17 -2.81 -2.19 -11.74
C ALA E 17 -2.77 -0.97 -10.80
N GLY E 18 -2.12 -1.10 -9.63
CA GLY E 18 -2.08 -0.02 -8.64
C GLY E 18 -3.13 -0.14 -7.54
N ALA E 19 -4.04 -1.08 -7.66
CA ALA E 19 -4.94 -1.43 -6.56
C ALA E 19 -4.12 -2.09 -5.46
N GLN E 20 -4.54 -1.87 -4.22
CA GLN E 20 -3.90 -2.48 -3.06
C GLN E 20 -4.98 -2.87 -2.05
N GLY E 21 -4.81 -4.02 -1.40
CA GLY E 21 -5.77 -4.54 -0.43
C GLY E 21 -6.01 -6.03 -0.60
N GLU E 22 -7.00 -6.53 0.14
CA GLU E 22 -7.50 -7.90 -0.02
C GLU E 22 -8.95 -7.96 -0.48
N MET E 23 -9.76 -6.98 -0.07
CA MET E 23 -11.19 -6.94 -0.36
C MET E 23 -11.52 -5.68 -1.14
N PHE E 24 -12.28 -5.87 -2.22
CA PHE E 24 -12.76 -4.77 -3.03
C PHE E 24 -14.23 -5.03 -3.37
N THR E 25 -14.97 -3.97 -3.70
CA THR E 25 -16.29 -4.10 -4.31
C THR E 25 -16.14 -4.52 -5.78
N VAL E 26 -17.23 -5.00 -6.35
CA VAL E 26 -17.21 -5.59 -7.69
C VAL E 26 -17.21 -4.51 -8.79
N LYS E 27 -17.43 -3.25 -8.43
CA LYS E 27 -17.27 -2.12 -9.35
C LYS E 27 -15.82 -1.63 -9.37
N GLU E 28 -15.19 -1.57 -8.19
CA GLU E 28 -13.79 -1.16 -8.08
C GLU E 28 -12.81 -2.28 -8.45
N VAL E 29 -13.24 -3.54 -8.37
CA VAL E 29 -12.48 -4.64 -8.99
C VAL E 29 -12.40 -4.43 -10.52
N MET E 30 -13.56 -4.21 -11.14
CA MET E 30 -13.66 -4.04 -12.59
C MET E 30 -13.06 -2.73 -13.12
N HIS E 31 -12.95 -1.70 -12.27
CA HIS E 31 -12.21 -0.48 -12.64
C HIS E 31 -10.73 -0.83 -12.85
N TYR E 32 -10.15 -1.46 -11.83
CA TYR E 32 -8.76 -1.93 -11.89
C TYR E 32 -8.55 -3.15 -12.81
N LEU E 33 -9.62 -3.70 -13.36
CA LEU E 33 -9.53 -4.62 -14.50
C LEU E 33 -9.44 -3.93 -15.85
N GLY E 34 -9.98 -2.72 -15.95
CA GLY E 34 -9.73 -1.84 -17.10
C GLY E 34 -8.35 -1.22 -17.05
N GLN E 35 -7.83 -0.99 -15.84
CA GLN E 35 -6.45 -0.52 -15.68
C GLN E 35 -5.43 -1.57 -16.07
N TYR E 36 -5.73 -2.86 -15.81
CA TYR E 36 -4.83 -3.96 -16.15
C TYR E 36 -4.70 -4.10 -17.66
N ILE E 37 -5.84 -4.24 -18.35
CA ILE E 37 -5.86 -4.36 -19.81
C ILE E 37 -5.26 -3.09 -20.42
N MET E 38 -5.77 -1.92 -20.02
CA MET E 38 -5.37 -0.66 -20.64
C MET E 38 -3.90 -0.35 -20.45
N VAL E 39 -3.39 -0.57 -19.25
CA VAL E 39 -1.97 -0.28 -18.96
C VAL E 39 -1.06 -1.39 -19.50
N LYS E 40 -1.61 -2.58 -19.76
CA LYS E 40 -0.82 -3.66 -20.40
C LYS E 40 -1.02 -3.79 -21.92
N GLN E 41 -1.87 -2.95 -22.51
CA GLN E 41 -2.11 -2.96 -23.96
C GLN E 41 -2.46 -4.35 -24.49
N LEU E 42 -3.63 -4.83 -24.09
CA LEU E 42 -4.14 -6.10 -24.59
C LEU E 42 -5.27 -5.95 -25.61
N TYR E 43 -5.67 -4.71 -25.90
CA TYR E 43 -6.72 -4.46 -26.90
C TYR E 43 -6.12 -4.24 -28.29
N ASP E 44 -6.97 -4.39 -29.30
CA ASP E 44 -6.65 -4.02 -30.67
C ASP E 44 -6.84 -2.50 -30.74
N ALA E 45 -5.87 -1.79 -31.32
CA ALA E 45 -5.97 -0.34 -31.48
C ALA E 45 -6.90 0.02 -32.64
N ALA E 46 -6.92 -0.81 -33.68
CA ALA E 46 -7.85 -0.65 -34.79
C ALA E 46 -9.30 -0.78 -34.31
N ALA E 47 -9.63 -1.93 -33.72
CA ALA E 47 -10.96 -2.17 -33.13
C ALA E 47 -10.81 -2.38 -31.63
N GLN E 48 -11.41 -1.52 -30.81
CA GLN E 48 -11.05 -1.45 -29.39
C GLN E 48 -11.99 -2.18 -28.40
N HIS E 49 -12.72 -3.18 -28.88
CA HIS E 49 -13.46 -4.11 -27.98
C HIS E 49 -12.87 -5.51 -27.94
N MET E 50 -11.91 -5.82 -28.81
CA MET E 50 -11.30 -7.15 -28.87
C MET E 50 -10.07 -7.18 -27.99
N VAL E 51 -10.02 -8.12 -27.05
CA VAL E 51 -8.88 -8.30 -26.16
C VAL E 51 -8.26 -9.67 -26.42
N TYR E 52 -6.94 -9.66 -26.62
CA TYR E 52 -6.16 -10.84 -26.98
C TYR E 52 -5.26 -11.18 -25.80
N CYS E 53 -5.68 -12.19 -25.04
CA CYS E 53 -5.02 -12.58 -23.79
C CYS E 53 -4.40 -13.97 -23.91
N GLY E 54 -4.07 -14.38 -25.13
CA GLY E 54 -3.54 -15.73 -25.37
C GLY E 54 -2.29 -16.05 -24.57
N GLY E 55 -1.37 -15.09 -24.47
CA GLY E 55 -0.12 -15.28 -23.72
C GLY E 55 -0.04 -14.49 -22.42
N ASP E 56 -1.12 -14.51 -21.64
CA ASP E 56 -1.20 -13.74 -20.38
C ASP E 56 -2.01 -14.46 -19.32
N LEU E 57 -1.63 -14.25 -18.06
CA LEU E 57 -2.27 -14.85 -16.90
C LEU E 57 -3.79 -14.79 -16.98
N LEU E 58 -4.31 -13.60 -17.32
CA LEU E 58 -5.74 -13.37 -17.55
C LEU E 58 -6.41 -14.46 -18.38
N GLY E 59 -5.97 -14.60 -19.64
CA GLY E 59 -6.51 -15.60 -20.56
C GLY E 59 -6.35 -17.03 -20.08
N GLU E 60 -5.25 -17.30 -19.38
CA GLU E 60 -4.98 -18.64 -18.85
C GLU E 60 -5.92 -18.96 -17.71
N LEU E 61 -6.33 -17.94 -16.96
CA LEU E 61 -7.36 -18.09 -15.94
C LEU E 61 -8.76 -17.99 -16.54
N LEU E 62 -8.83 -17.61 -17.81
CA LEU E 62 -10.08 -17.62 -18.57
C LEU E 62 -10.40 -18.95 -19.29
N GLY E 63 -9.37 -19.72 -19.63
CA GLY E 63 -9.52 -20.90 -20.48
C GLY E 63 -9.76 -20.53 -21.94
N ARG E 64 -9.29 -19.34 -22.32
CA ARG E 64 -9.57 -18.72 -23.62
C ARG E 64 -8.33 -17.94 -24.09
N GLN E 65 -8.37 -17.50 -25.34
CA GLN E 65 -7.29 -16.68 -25.94
C GLN E 65 -7.74 -15.30 -26.46
N SER E 66 -9.06 -15.07 -26.52
CA SER E 66 -9.60 -13.79 -26.99
C SER E 66 -11.03 -13.60 -26.50
N PHE E 67 -11.40 -12.36 -26.24
CA PHE E 67 -12.77 -12.05 -25.85
C PHE E 67 -13.15 -10.64 -26.25
N SER E 68 -14.46 -10.41 -26.41
CA SER E 68 -14.98 -9.14 -26.89
C SER E 68 -15.68 -8.42 -25.75
N VAL E 69 -15.26 -7.18 -25.49
CA VAL E 69 -15.90 -6.31 -24.49
C VAL E 69 -17.40 -6.12 -24.80
N LYS E 70 -17.77 -6.27 -26.09
CA LYS E 70 -19.18 -6.30 -26.49
C LYS E 70 -20.03 -7.45 -25.89
N ASP E 71 -19.40 -8.48 -25.35
CA ASP E 71 -20.11 -9.56 -24.66
C ASP E 71 -19.23 -10.18 -23.56
N PRO E 72 -19.62 -10.02 -22.28
CA PRO E 72 -18.77 -10.43 -21.16
C PRO E 72 -19.02 -11.84 -20.56
N SER E 73 -19.66 -12.75 -21.30
CA SER E 73 -19.96 -14.12 -20.80
C SER E 73 -18.79 -14.85 -20.10
N PRO E 74 -17.55 -14.74 -20.65
CA PRO E 74 -16.43 -15.37 -19.94
C PRO E 74 -15.89 -14.56 -18.75
N LEU E 75 -15.86 -13.25 -18.89
CA LEU E 75 -15.42 -12.36 -17.81
C LEU E 75 -16.09 -12.78 -16.55
N TYR E 76 -17.42 -12.84 -16.60
CA TYR E 76 -18.22 -13.28 -15.48
C TYR E 76 -18.37 -14.82 -15.49
N ASP E 77 -17.30 -15.53 -15.22
CA ASP E 77 -17.33 -16.99 -15.07
C ASP E 77 -16.04 -17.33 -14.36
N MET E 78 -15.02 -16.56 -14.71
CA MET E 78 -13.80 -16.42 -13.95
C MET E 78 -13.95 -15.41 -12.82
N LEU E 79 -15.08 -14.70 -12.78
CA LEU E 79 -15.36 -13.76 -11.71
C LEU E 79 -16.16 -14.44 -10.64
N ARG E 80 -16.82 -15.54 -10.99
CA ARG E 80 -17.45 -16.41 -9.99
C ARG E 80 -16.54 -17.56 -9.55
N LYS E 81 -15.71 -18.04 -10.47
CA LYS E 81 -14.75 -19.13 -10.19
C LYS E 81 -13.46 -18.63 -9.56
N ASN E 82 -13.30 -17.32 -9.41
CA ASN E 82 -12.08 -16.74 -8.85
C ASN E 82 -12.35 -15.51 -7.96
N LEU E 83 -13.54 -15.39 -7.39
CA LEU E 83 -13.82 -14.43 -6.34
C LEU E 83 -14.51 -15.17 -5.21
N VAL E 84 -13.80 -15.33 -4.10
CA VAL E 84 -14.39 -15.95 -2.91
C VAL E 84 -15.32 -14.89 -2.32
N THR E 85 -16.59 -15.23 -2.17
CA THR E 85 -17.62 -14.27 -1.75
C THR E 85 -17.57 -13.96 -0.26
N LEU F 1 -15.56 3.37 -31.04
CA LEU F 1 -14.50 2.48 -30.48
C LEU F 1 -14.00 3.05 -29.16
N THR F 2 -12.69 3.18 -28.96
CA THR F 2 -12.08 3.54 -27.68
C THR F 2 -12.47 2.56 -26.56
N PHE F 3 -11.51 1.73 -26.14
CA PHE F 3 -11.67 0.83 -24.98
C PHE F 3 -12.11 1.64 -23.76
N LEU F 4 -11.68 2.91 -23.71
CA LEU F 4 -12.01 3.83 -22.62
C LEU F 4 -13.50 3.88 -22.31
N GLU F 5 -14.31 4.07 -23.35
CA GLU F 5 -15.77 4.14 -23.21
C GLU F 5 -16.47 2.78 -23.42
N TYR F 6 -15.84 1.84 -24.13
CA TYR F 6 -16.33 0.46 -24.22
C TYR F 6 -16.45 -0.19 -22.84
N TRP F 7 -15.45 0.04 -21.98
CA TRP F 7 -15.39 -0.57 -20.66
C TRP F 7 -16.23 0.20 -19.61
N ALA F 8 -17.07 1.14 -20.04
CA ALA F 8 -17.97 1.88 -19.14
C ALA F 8 -19.46 1.53 -19.34
N GLN F 9 -19.75 0.53 -20.17
CA GLN F 9 -21.10 0.06 -20.42
C GLN F 9 -21.48 -0.98 -19.39
N LEU F 10 -20.64 -2.00 -19.27
CA LEU F 10 -20.82 -3.06 -18.25
C LEU F 10 -20.64 -2.56 -16.81
N MET F 11 -19.90 -1.47 -16.63
CA MET F 11 -19.62 -0.92 -15.30
C MET F 11 -20.73 0.00 -14.83
N GLN G 3 18.72 4.95 6.36
CA GLN G 3 17.22 5.00 6.24
C GLN G 3 16.62 6.16 7.03
N VAL G 4 15.87 7.00 6.34
CA VAL G 4 15.30 8.20 6.93
C VAL G 4 13.78 8.11 6.96
N ARG G 5 13.19 8.84 7.90
CA ARG G 5 11.74 8.98 8.01
C ARG G 5 11.36 10.38 7.50
N PRO G 6 10.68 10.47 6.34
CA PRO G 6 10.32 11.81 5.87
C PRO G 6 9.41 12.59 6.82
N LYS G 7 9.34 13.90 6.61
CA LYS G 7 8.42 14.76 7.35
C LYS G 7 7.12 14.90 6.60
N LEU G 8 6.03 15.00 7.35
CA LEU G 8 4.66 14.96 6.80
C LEU G 8 4.44 15.85 5.56
N PRO G 9 4.79 17.16 5.65
CA PRO G 9 4.65 17.99 4.46
C PRO G 9 5.37 17.41 3.22
N LEU G 10 6.47 16.69 3.43
CA LEU G 10 7.16 15.96 2.37
C LEU G 10 6.60 14.56 2.10
N LEU G 11 6.01 13.95 3.13
CA LEU G 11 5.35 12.67 3.03
C LEU G 11 4.20 12.68 2.00
N LYS G 12 3.34 13.70 2.09
CA LYS G 12 2.26 13.90 1.11
C LYS G 12 2.84 13.97 -0.29
N ILE G 13 3.93 14.72 -0.44
CA ILE G 13 4.61 14.89 -1.73
C ILE G 13 5.05 13.53 -2.28
N LEU G 14 5.77 12.76 -1.47
CA LEU G 14 6.33 11.48 -1.93
C LEU G 14 5.26 10.44 -2.28
N HIS G 15 4.17 10.44 -1.53
CA HIS G 15 3.06 9.52 -1.81
C HIS G 15 2.43 9.75 -3.19
N ALA G 16 2.39 10.99 -3.66
CA ALA G 16 1.79 11.30 -4.97
C ALA G 16 2.49 10.65 -6.18
N ALA G 17 3.75 10.25 -6.00
CA ALA G 17 4.49 9.56 -7.04
C ALA G 17 4.12 8.07 -7.18
N GLY G 18 3.68 7.46 -6.09
CA GLY G 18 3.35 6.03 -6.03
C GLY G 18 4.11 5.23 -4.99
N ALA G 19 4.73 5.92 -4.02
CA ALA G 19 5.48 5.25 -2.95
C ALA G 19 4.57 4.52 -1.97
N GLN G 20 5.17 3.68 -1.14
CA GLN G 20 4.46 2.92 -0.10
C GLN G 20 5.24 3.01 1.22
N GLY G 21 4.53 3.15 2.32
CA GLY G 21 5.13 3.16 3.65
C GLY G 21 5.70 4.51 4.07
N GLU G 22 6.42 4.49 5.18
CA GLU G 22 6.97 5.71 5.77
C GLU G 22 8.46 5.55 6.13
N MET G 23 9.09 4.46 5.67
CA MET G 23 10.48 4.17 5.95
C MET G 23 11.19 4.08 4.61
N PHE G 24 12.06 5.06 4.34
CA PHE G 24 12.72 5.17 3.04
C PHE G 24 14.22 5.42 3.16
N THR G 25 14.94 4.98 2.13
CA THR G 25 16.37 5.26 1.95
C THR G 25 16.54 6.48 1.04
N VAL G 26 17.59 7.27 1.27
CA VAL G 26 17.76 8.55 0.55
C VAL G 26 17.93 8.31 -0.96
N LYS G 27 18.41 7.14 -1.33
CA LYS G 27 18.52 6.71 -2.73
C LYS G 27 17.14 6.42 -3.34
N GLU G 28 16.27 5.84 -2.53
CA GLU G 28 14.89 5.52 -2.90
C GLU G 28 13.93 6.69 -2.65
N VAL G 29 14.21 7.51 -1.65
CA VAL G 29 13.46 8.76 -1.42
C VAL G 29 13.45 9.61 -2.69
N MET G 30 14.60 9.70 -3.35
CA MET G 30 14.81 10.60 -4.47
C MET G 30 14.50 10.06 -5.85
N HIS G 31 14.24 8.75 -5.97
CA HIS G 31 13.73 8.19 -7.23
C HIS G 31 12.35 8.76 -7.52
N TYR G 32 11.47 8.67 -6.53
CA TYR G 32 10.09 9.16 -6.64
C TYR G 32 9.95 10.68 -6.57
N LEU G 33 11.06 11.39 -6.39
CA LEU G 33 11.07 12.85 -6.48
C LEU G 33 11.09 13.26 -7.94
N GLY G 34 11.97 12.62 -8.72
CA GLY G 34 11.96 12.73 -10.17
C GLY G 34 10.71 12.13 -10.79
N GLN G 35 10.26 11.00 -10.24
CA GLN G 35 8.98 10.43 -10.68
C GLN G 35 7.84 11.40 -10.38
N TYR G 36 7.94 12.13 -9.27
CA TYR G 36 6.93 13.11 -8.85
C TYR G 36 6.89 14.31 -9.79
N ILE G 37 8.05 14.94 -9.97
CA ILE G 37 8.18 16.14 -10.82
C ILE G 37 7.90 15.83 -12.30
N MET G 38 8.15 14.60 -12.75
CA MET G 38 7.90 14.24 -14.14
C MET G 38 6.43 14.25 -14.52
N VAL G 39 5.58 13.68 -13.66
CA VAL G 39 4.13 13.60 -13.94
C VAL G 39 3.33 14.75 -13.34
N LYS G 40 3.94 15.53 -12.45
CA LYS G 40 3.34 16.80 -12.00
C LYS G 40 3.57 17.93 -13.00
N GLN G 41 4.53 17.75 -13.92
CA GLN G 41 4.79 18.65 -15.07
C GLN G 41 5.34 20.01 -14.67
N LEU G 42 6.37 20.00 -13.83
CA LEU G 42 6.94 21.23 -13.30
C LEU G 42 8.27 21.64 -13.94
N TYR G 43 8.89 20.80 -14.77
CA TYR G 43 10.14 21.20 -15.43
C TYR G 43 9.86 21.97 -16.71
N ASP G 44 10.80 22.83 -17.09
CA ASP G 44 10.69 23.64 -18.31
C ASP G 44 10.92 22.72 -19.50
N ALA G 45 9.96 22.72 -20.44
CA ALA G 45 10.07 21.94 -21.67
C ALA G 45 11.16 22.45 -22.60
N ALA G 46 11.46 23.76 -22.54
CA ALA G 46 12.58 24.33 -23.30
C ALA G 46 13.91 23.80 -22.74
N ALA G 47 14.34 24.32 -21.59
CA ALA G 47 15.55 23.84 -20.93
C ALA G 47 15.13 23.04 -19.70
N GLN G 48 15.29 21.71 -19.77
CA GLN G 48 14.63 20.80 -18.83
C GLN G 48 15.42 20.53 -17.54
N HIS G 49 16.27 21.50 -17.19
CA HIS G 49 16.99 21.55 -15.91
C HIS G 49 16.39 22.58 -14.93
N MET G 50 15.55 23.48 -15.44
CA MET G 50 14.84 24.47 -14.64
C MET G 50 13.52 23.90 -14.17
N VAL G 51 13.33 23.88 -12.85
CA VAL G 51 12.07 23.52 -12.23
C VAL G 51 11.45 24.77 -11.59
N TYR G 52 10.17 24.98 -11.89
CA TYR G 52 9.37 26.12 -11.41
C TYR G 52 8.21 25.55 -10.62
N CYS G 53 8.05 25.99 -9.38
CA CYS G 53 7.09 25.35 -8.47
C CYS G 53 6.51 26.32 -7.46
N GLY G 54 6.09 27.50 -7.94
CA GLY G 54 5.44 28.49 -7.09
C GLY G 54 4.16 27.99 -6.45
N GLY G 55 3.31 27.36 -7.26
CA GLY G 55 2.00 26.86 -6.81
C GLY G 55 1.96 25.36 -6.68
N ASP G 56 2.76 24.84 -5.75
CA ASP G 56 2.83 23.40 -5.48
C ASP G 56 3.47 23.22 -4.12
N LEU G 57 3.08 22.17 -3.40
CA LEU G 57 3.63 21.88 -2.08
C LEU G 57 5.16 21.82 -2.11
N LEU G 58 5.74 21.50 -3.27
CA LEU G 58 7.20 21.49 -3.47
C LEU G 58 7.86 22.87 -3.34
N GLY G 59 7.19 23.93 -3.77
CA GLY G 59 7.71 25.29 -3.59
C GLY G 59 7.46 25.90 -2.21
N GLU G 60 6.84 25.12 -1.33
CA GLU G 60 6.53 25.56 0.03
C GLU G 60 7.63 25.10 0.99
N LEU G 61 8.22 23.95 0.69
CA LEU G 61 9.30 23.36 1.50
C LEU G 61 10.64 24.11 1.44
N LEU G 62 10.80 24.99 0.45
CA LEU G 62 12.04 25.75 0.27
C LEU G 62 11.88 27.25 0.58
N GLY G 63 10.84 27.87 0.02
CA GLY G 63 10.62 29.32 0.09
C GLY G 63 11.15 29.97 -1.18
N ARG G 64 10.76 29.39 -2.32
CA ARG G 64 11.38 29.70 -3.62
C ARG G 64 10.39 29.50 -4.78
N GLN G 65 10.51 30.36 -5.79
CA GLN G 65 9.68 30.29 -7.00
C GLN G 65 10.28 29.31 -8.01
N SER G 66 11.57 29.04 -7.88
CA SER G 66 12.30 28.22 -8.83
C SER G 66 13.58 27.64 -8.25
N PHE G 67 14.12 26.65 -8.95
CA PHE G 67 15.44 26.08 -8.67
C PHE G 67 15.89 25.27 -9.89
N SER G 68 17.20 25.17 -10.09
CA SER G 68 17.77 24.45 -11.24
C SER G 68 18.46 23.17 -10.80
N VAL G 69 18.22 22.09 -11.54
CA VAL G 69 18.77 20.77 -11.21
C VAL G 69 20.29 20.86 -11.03
N LYS G 70 20.96 21.58 -11.93
CA LYS G 70 22.41 21.81 -11.84
C LYS G 70 22.78 22.84 -10.76
N ASP G 71 22.17 22.69 -9.58
CA ASP G 71 22.38 23.55 -8.42
C ASP G 71 21.45 23.01 -7.31
N PRO G 72 21.88 21.96 -6.59
CA PRO G 72 21.03 21.37 -5.56
C PRO G 72 21.23 21.95 -4.15
N SER G 73 21.76 23.17 -4.05
CA SER G 73 21.86 23.88 -2.76
C SER G 73 20.49 24.07 -2.09
N PRO G 74 19.48 24.51 -2.86
CA PRO G 74 18.15 24.66 -2.27
C PRO G 74 17.45 23.32 -2.06
N LEU G 75 17.60 22.41 -3.02
CA LEU G 75 16.97 21.12 -2.96
C LEU G 75 17.51 20.35 -1.79
N TYR G 76 18.82 20.36 -1.61
CA TYR G 76 19.45 19.61 -0.52
C TYR G 76 19.16 20.14 0.88
N ASP G 77 18.91 21.44 1.06
CA ASP G 77 18.64 21.91 2.40
C ASP G 77 17.34 21.30 2.89
N MET G 78 16.34 21.21 2.01
CA MET G 78 15.05 20.60 2.34
C MET G 78 15.18 19.10 2.67
N LEU G 79 16.21 18.45 2.14
CA LEU G 79 16.52 17.04 2.48
C LEU G 79 17.55 17.00 3.61
N ARG G 80 17.15 17.57 4.74
CA ARG G 80 18.03 17.80 5.89
C ARG G 80 17.17 18.22 7.09
N LYS G 81 16.29 19.19 6.86
CA LYS G 81 15.24 19.54 7.82
C LYS G 81 13.92 18.79 7.58
N ASN G 82 13.63 18.35 6.36
CA ASN G 82 12.42 17.54 6.12
C ASN G 82 12.72 16.05 5.94
N LEU G 83 13.60 15.52 6.79
CA LEU G 83 13.96 14.09 6.75
C LEU G 83 14.45 13.72 8.15
N VAL G 84 13.56 13.10 8.94
CA VAL G 84 13.71 13.08 10.40
C VAL G 84 14.82 12.12 10.85
N THR G 85 15.55 12.54 11.89
CA THR G 85 16.64 11.75 12.45
C THR G 85 16.11 10.86 13.57
N LEU H 1 18.98 17.17 -23.30
CA LEU H 1 18.01 17.62 -22.26
C LEU H 1 17.38 16.39 -21.56
N THR H 2 16.06 16.26 -21.52
CA THR H 2 15.34 15.31 -20.66
C THR H 2 15.69 15.43 -19.18
N PHE H 3 14.74 15.92 -18.39
CA PHE H 3 14.84 15.93 -16.92
C PHE H 3 15.26 14.57 -16.33
N LEU H 4 14.97 13.46 -17.05
CA LEU H 4 15.35 12.11 -16.63
C LEU H 4 16.85 11.94 -16.33
N GLU H 5 17.72 12.42 -17.22
CA GLU H 5 19.17 12.30 -16.99
C GLU H 5 19.74 13.49 -16.22
N TYR H 6 19.10 14.65 -16.28
CA TYR H 6 19.45 15.74 -15.37
C TYR H 6 19.30 15.29 -13.91
N TRP H 7 18.28 14.48 -13.66
CA TRP H 7 18.04 13.86 -12.35
C TRP H 7 18.80 12.53 -12.16
N ALA H 8 19.80 12.26 -13.00
CA ALA H 8 20.63 11.06 -12.91
C ALA H 8 22.11 11.37 -12.61
N GLN H 9 22.44 12.64 -12.41
CA GLN H 9 23.78 13.06 -11.99
C GLN H 9 23.91 12.93 -10.49
N LEU H 10 22.89 13.43 -9.78
CA LEU H 10 22.85 13.36 -8.32
C LEU H 10 22.60 11.94 -7.79
N MET H 11 21.71 11.20 -8.44
CA MET H 11 21.13 9.98 -7.88
C MET H 11 22.14 8.83 -7.95
#